data_2GX6
#
_entry.id   2GX6
#
_cell.length_a   34.847
_cell.length_b   71.050
_cell.length_c   98.949
_cell.angle_alpha   90.000
_cell.angle_beta   90.000
_cell.angle_gamma   90.000
#
_symmetry.space_group_name_H-M   'P 21 21 21'
#
loop_
_entity.id
_entity.type
_entity.pdbx_description
1 polymer 'D-ribose-binding periplasmic protein'
2 non-polymer beta-D-ribopyranose
3 water water
#
_entity_poly.entity_id   1
_entity_poly.type   'polypeptide(L)'
_entity_poly.pdbx_seq_one_letter_code
;MKDTIALVVSTLNNPFFVSLKDGAQKEADKLGYNLVVLDSQNNPAKELANVQDLTVRGVKILLINPVDSDAVGNAVKMAN
QANIPVITLDRQATKGEVVSHIASDNVLGGKIAGDYIAKKAGEGAKVIELQGIAGTSAARERGEGFQQAVAAHKFNVLAS
QPADFDRIKGLNVMQNLLTAHPDVQAVFAQNDEMALGALRALQTAGKSDVMVVGFDGTPDGEKAVNDGKLAATIAQLPDQ
IGAKGVEVADKVLKGEKVQAKYPVDLKLVVKQHHHHHH
;
_entity_poly.pdbx_strand_id   A
#
loop_
_chem_comp.id
_chem_comp.type
_chem_comp.name
_chem_comp.formula
RIP D-saccharide, beta linking beta-D-ribopyranose 'C5 H10 O5'
#
# COMPACT_ATOMS: atom_id res chain seq x y z
N LYS A 2 12.37 -9.95 27.80
CA LYS A 2 11.58 -9.02 26.94
C LYS A 2 10.24 -9.64 26.53
N ASP A 3 9.18 -8.83 26.49
CA ASP A 3 7.92 -9.25 25.86
C ASP A 3 8.04 -9.13 24.33
N THR A 4 7.32 -9.98 23.60
CA THR A 4 7.36 -10.04 22.15
C THR A 4 6.11 -9.42 21.50
N ILE A 5 6.34 -8.54 20.55
CA ILE A 5 5.31 -8.05 19.64
C ILE A 5 5.64 -8.74 18.32
N ALA A 6 4.62 -9.26 17.65
CA ALA A 6 4.79 -9.86 16.33
C ALA A 6 4.38 -8.86 15.25
N LEU A 7 5.17 -8.81 14.19
CA LEU A 7 4.79 -8.09 12.98
C LEU A 7 4.74 -9.09 11.83
N VAL A 8 3.54 -9.24 11.24
CA VAL A 8 3.27 -10.11 10.13
C VAL A 8 3.05 -9.15 8.95
N VAL A 9 4.00 -9.14 8.01
CA VAL A 9 4.02 -8.16 6.92
C VAL A 9 3.74 -8.87 5.59
N SER A 10 2.93 -8.24 4.74
CA SER A 10 2.46 -8.89 3.51
C SER A 10 3.62 -9.41 2.65
N THR A 11 4.67 -8.60 2.53
CA THR A 11 5.86 -8.95 1.77
C THR A 11 7.02 -8.05 2.20
N LEU A 12 8.24 -8.55 2.06
CA LEU A 12 9.44 -7.72 2.16
C LEU A 12 10.17 -7.53 0.80
N ASN A 13 9.52 -7.92 -0.28
CA ASN A 13 10.02 -7.71 -1.64
C ASN A 13 9.73 -6.29 -2.21
N ASN A 14 9.18 -5.42 -1.37
CA ASN A 14 8.77 -4.07 -1.74
C ASN A 14 9.43 -3.10 -0.75
N PRO A 15 10.21 -2.11 -1.23
CA PRO A 15 10.86 -1.15 -0.32
C PRO A 15 9.91 -0.44 0.69
N PHE A 16 8.68 -0.16 0.30
CA PHE A 16 7.71 0.41 1.22
C PHE A 16 7.58 -0.45 2.50
N PHE A 17 7.53 -1.78 2.33
CA PHE A 17 7.35 -2.66 3.47
C PHE A 17 8.64 -2.90 4.27
N VAL A 18 9.78 -2.86 3.60
CA VAL A 18 11.05 -2.86 4.32
C VAL A 18 11.10 -1.63 5.25
N SER A 19 10.60 -0.48 4.79
CA SER A 19 10.65 0.74 5.59
C SER A 19 9.71 0.69 6.77
N LEU A 20 8.51 0.15 6.51
CA LEU A 20 7.54 -0.15 7.56
C LEU A 20 8.15 -1.02 8.69
N LYS A 21 8.73 -2.17 8.32
CA LYS A 21 9.48 -3.01 9.25
C LYS A 21 10.60 -2.23 9.99
N ASP A 22 11.39 -1.42 9.28
CA ASP A 22 12.46 -0.66 9.95
C ASP A 22 11.92 0.31 11.03
N GLY A 23 10.80 0.97 10.75
CA GLY A 23 10.19 1.87 11.72
C GLY A 23 9.70 1.10 12.93
N ALA A 24 9.06 -0.06 12.69
CA ALA A 24 8.59 -0.92 13.78
C ALA A 24 9.76 -1.41 14.65
N GLN A 25 10.83 -1.85 14.00
CA GLN A 25 12.01 -2.32 14.72
C GLN A 25 12.65 -1.25 15.63
N LYS A 26 12.84 -0.07 15.08
CA LYS A 26 13.43 1.06 15.81
C LYS A 26 12.61 1.38 17.06
N GLU A 27 11.30 1.38 16.90
CA GLU A 27 10.41 1.73 17.99
C GLU A 27 10.39 0.61 19.04
N ALA A 28 10.40 -0.64 18.58
CA ALA A 28 10.47 -1.81 19.48
C ALA A 28 11.73 -1.77 20.33
N ASP A 29 12.86 -1.53 19.68
CA ASP A 29 14.14 -1.34 20.36
C ASP A 29 14.01 -0.26 21.44
N LYS A 30 13.42 0.88 21.10
CA LYS A 30 13.33 2.01 22.02
C LYS A 30 12.43 1.70 23.22
N LEU A 31 11.29 1.04 22.98
CA LEU A 31 10.36 0.73 24.06
C LEU A 31 10.66 -0.59 24.81
N GLY A 32 11.72 -1.29 24.42
CA GLY A 32 12.16 -2.50 25.11
C GLY A 32 11.39 -3.77 24.80
N TYR A 33 10.83 -3.87 23.58
CA TYR A 33 10.18 -5.09 23.15
C TYR A 33 11.03 -5.87 22.20
N ASN A 34 10.79 -7.17 22.21
CA ASN A 34 11.26 -8.04 21.18
C ASN A 34 10.27 -8.00 20.02
N LEU A 35 10.76 -7.79 18.81
CA LEU A 35 9.91 -7.77 17.65
C LEU A 35 10.24 -8.99 16.79
N VAL A 36 9.23 -9.85 16.61
CA VAL A 36 9.34 -10.96 15.67
C VAL A 36 8.65 -10.59 14.34
N VAL A 37 9.43 -10.49 13.28
CA VAL A 37 8.92 -10.13 11.95
C VAL A 37 8.81 -11.37 11.04
N LEU A 38 7.58 -11.73 10.67
CA LEU A 38 7.33 -12.81 9.72
C LEU A 38 6.80 -12.27 8.37
N ASP A 39 7.45 -12.69 7.29
CA ASP A 39 7.18 -12.25 5.92
C ASP A 39 6.16 -13.24 5.29
N SER A 40 4.99 -12.73 4.92
CA SER A 40 3.94 -13.56 4.32
C SER A 40 4.20 -13.84 2.83
N GLN A 41 5.14 -13.12 2.22
CA GLN A 41 5.50 -13.33 0.80
C GLN A 41 4.30 -13.23 -0.13
N ASN A 42 3.39 -12.29 0.15
CA ASN A 42 2.16 -12.11 -0.65
C ASN A 42 1.32 -13.38 -0.77
N ASN A 43 1.43 -14.25 0.22
CA ASN A 43 0.86 -15.59 0.18
C ASN A 43 -0.11 -15.78 1.37
N PRO A 44 -1.42 -15.89 1.09
CA PRO A 44 -2.41 -16.12 2.13
C PRO A 44 -2.19 -17.39 3.00
N ALA A 45 -1.75 -18.48 2.39
CA ALA A 45 -1.44 -19.71 3.13
C ALA A 45 -0.29 -19.49 4.13
N LYS A 46 0.75 -18.80 3.72
CA LYS A 46 1.88 -18.45 4.57
C LYS A 46 1.47 -17.53 5.71
N GLU A 47 0.69 -16.51 5.37
CA GLU A 47 0.19 -15.58 6.37
C GLU A 47 -0.58 -16.32 7.48
N LEU A 48 -1.44 -17.24 7.09
CA LEU A 48 -2.19 -18.06 8.05
C LEU A 48 -1.28 -18.94 8.93
N ALA A 49 -0.34 -19.65 8.31
CA ALA A 49 0.65 -20.43 9.04
C ALA A 49 1.45 -19.60 10.03
N ASN A 50 1.89 -18.42 9.58
CA ASN A 50 2.66 -17.53 10.44
C ASN A 50 1.88 -17.03 11.65
N VAL A 51 0.61 -16.68 11.45
CA VAL A 51 -0.22 -16.22 12.54
C VAL A 51 -0.48 -17.36 13.54
N GLN A 52 -0.74 -18.56 13.02
CA GLN A 52 -0.90 -19.74 13.88
C GLN A 52 0.31 -20.01 14.74
N ASP A 53 1.49 -19.94 14.13
CA ASP A 53 2.77 -20.10 14.83
C ASP A 53 2.90 -19.07 15.96
N LEU A 54 2.59 -17.81 15.65
CA LEU A 54 2.74 -16.70 16.60
C LEU A 54 1.74 -16.79 17.75
N THR A 55 0.53 -17.21 17.46
CA THR A 55 -0.46 -17.41 18.51
C THR A 55 -0.03 -18.54 19.48
N VAL A 56 0.62 -19.59 18.98
CA VAL A 56 1.09 -20.64 19.89
C VAL A 56 2.35 -20.23 20.65
N ARG A 57 3.12 -19.29 20.12
CA ARG A 57 4.26 -18.73 20.85
C ARG A 57 3.79 -17.74 21.93
N GLY A 58 2.51 -17.40 21.93
CA GLY A 58 1.97 -16.47 22.94
C GLY A 58 2.60 -15.08 22.89
N VAL A 59 2.72 -14.53 21.68
CA VAL A 59 3.15 -13.14 21.49
CA VAL A 59 3.17 -13.14 21.53
C VAL A 59 2.11 -12.26 22.19
N LYS A 60 2.51 -11.08 22.64
CA LYS A 60 1.62 -10.19 23.40
C LYS A 60 0.67 -9.35 22.53
N ILE A 61 1.14 -8.96 21.36
CA ILE A 61 0.39 -8.15 20.41
C ILE A 61 0.71 -8.62 19.00
N LEU A 62 -0.30 -8.67 18.15
CA LEU A 62 -0.10 -8.91 16.70
C LEU A 62 -0.30 -7.63 15.89
N LEU A 63 0.79 -7.16 15.26
CA LEU A 63 0.73 -6.16 14.21
C LEU A 63 0.62 -6.94 12.88
N ILE A 64 -0.42 -6.66 12.09
CA ILE A 64 -0.58 -7.40 10.83
C ILE A 64 -0.88 -6.43 9.68
N ASN A 65 -0.15 -6.63 8.59
CA ASN A 65 -0.40 -6.00 7.29
C ASN A 65 -0.96 -7.11 6.37
N PRO A 66 -2.30 -7.25 6.31
CA PRO A 66 -2.89 -8.34 5.54
C PRO A 66 -2.39 -8.46 4.11
N VAL A 67 -2.20 -9.70 3.68
CA VAL A 67 -2.02 -10.04 2.26
C VAL A 67 -3.28 -9.70 1.43
N ASP A 68 -4.42 -9.99 2.02
CA ASP A 68 -5.73 -9.84 1.39
C ASP A 68 -6.67 -9.47 2.51
N SER A 69 -7.27 -8.28 2.43
CA SER A 69 -8.09 -7.73 3.49
C SER A 69 -9.34 -8.61 3.77
N ASP A 70 -9.86 -9.23 2.72
CA ASP A 70 -10.95 -10.21 2.84
C ASP A 70 -10.53 -11.57 3.37
N ALA A 71 -9.35 -12.02 3.02
CA ALA A 71 -8.91 -13.35 3.39
C ALA A 71 -8.33 -13.45 4.80
N VAL A 72 -7.95 -12.32 5.40
CA VAL A 72 -7.21 -12.33 6.70
C VAL A 72 -8.15 -12.56 7.93
N GLY A 73 -9.45 -12.48 7.69
CA GLY A 73 -10.44 -12.64 8.77
C GLY A 73 -10.21 -13.87 9.66
N ASN A 74 -9.90 -15.01 9.05
CA ASN A 74 -9.66 -16.26 9.82
C ASN A 74 -8.37 -16.22 10.64
N ALA A 75 -7.30 -15.63 10.11
CA ALA A 75 -6.08 -15.40 10.87
C ALA A 75 -6.36 -14.50 12.10
N VAL A 76 -7.06 -13.41 11.88
CA VAL A 76 -7.40 -12.49 12.96
C VAL A 76 -8.29 -13.16 14.03
N LYS A 77 -9.26 -13.98 13.61
CA LYS A 77 -10.12 -14.68 14.56
C LYS A 77 -9.34 -15.65 15.46
N MET A 78 -8.27 -16.21 14.92
CA MET A 78 -7.37 -17.03 15.71
C MET A 78 -6.63 -16.26 16.82
N ALA A 79 -6.18 -15.06 16.50
CA ALA A 79 -5.59 -14.16 17.48
C ALA A 79 -6.66 -13.75 18.50
N ASN A 80 -7.86 -13.43 18.01
CA ASN A 80 -9.00 -13.10 18.85
C ASN A 80 -9.29 -14.23 19.84
N GLN A 81 -9.27 -15.48 19.37
CA GLN A 81 -9.58 -16.63 20.25
C GLN A 81 -8.50 -16.81 21.33
N ALA A 82 -7.27 -16.51 20.97
CA ALA A 82 -6.14 -16.53 21.91
C ALA A 82 -6.03 -15.31 22.80
N ASN A 83 -6.92 -14.32 22.63
CA ASN A 83 -6.90 -13.08 23.40
C ASN A 83 -5.59 -12.28 23.18
N ILE A 84 -5.10 -12.28 21.94
CA ILE A 84 -3.94 -11.52 21.53
C ILE A 84 -4.50 -10.34 20.74
N PRO A 85 -4.38 -9.12 21.30
CA PRO A 85 -4.91 -7.98 20.55
C PRO A 85 -4.25 -7.82 19.17
N VAL A 86 -5.05 -7.41 18.19
CA VAL A 86 -4.63 -7.23 16.79
C VAL A 86 -4.72 -5.77 16.38
N ILE A 87 -3.63 -5.27 15.81
CA ILE A 87 -3.54 -3.92 15.27
C ILE A 87 -3.20 -4.11 13.76
N THR A 88 -3.98 -3.52 12.86
CA THR A 88 -3.69 -3.63 11.43
C THR A 88 -2.89 -2.42 10.96
N LEU A 89 -1.89 -2.68 10.12
CA LEU A 89 -1.07 -1.64 9.58
C LEU A 89 -1.28 -1.61 8.08
N ASP A 90 -1.52 -0.41 7.55
CA ASP A 90 -1.52 -0.11 6.08
C ASP A 90 -2.73 -0.66 5.31
N ARG A 91 -3.16 -1.88 5.64
CA ARG A 91 -4.35 -2.50 5.07
C ARG A 91 -5.25 -3.03 6.17
N GLN A 92 -6.55 -2.89 5.96
CA GLN A 92 -7.58 -3.31 6.92
CA GLN A 92 -7.55 -3.31 6.95
C GLN A 92 -7.82 -4.82 6.91
N ALA A 93 -8.39 -5.33 8.01
CA ALA A 93 -8.99 -6.65 8.06
C ALA A 93 -10.49 -6.43 7.94
N THR A 94 -11.08 -7.00 6.90
CA THR A 94 -12.53 -6.85 6.66
C THR A 94 -13.35 -7.49 7.79
N LYS A 95 -12.90 -8.65 8.29
CA LYS A 95 -13.54 -9.34 9.41
C LYS A 95 -12.51 -9.62 10.51
N GLY A 96 -13.01 -9.93 11.71
CA GLY A 96 -12.16 -10.10 12.88
C GLY A 96 -12.16 -8.87 13.76
N GLU A 97 -11.85 -9.06 15.04
CA GLU A 97 -11.77 -7.95 15.98
C GLU A 97 -10.37 -7.31 15.94
N VAL A 98 -10.36 -6.00 15.65
CA VAL A 98 -9.11 -5.24 15.52
C VAL A 98 -9.22 -4.07 16.48
N VAL A 99 -8.20 -3.87 17.30
CA VAL A 99 -8.18 -2.77 18.29
CA VAL A 99 -8.22 -2.78 18.28
C VAL A 99 -7.94 -1.42 17.63
N SER A 100 -7.03 -1.38 16.66
CA SER A 100 -6.67 -0.13 16.03
C SER A 100 -6.14 -0.39 14.60
N HIS A 101 -6.42 0.53 13.67
CA HIS A 101 -5.93 0.48 12.30
C HIS A 101 -5.10 1.76 12.02
N ILE A 102 -3.91 1.57 11.46
CA ILE A 102 -2.97 2.64 11.19
C ILE A 102 -2.59 2.59 9.71
N ALA A 103 -2.95 3.61 8.97
CA ALA A 103 -2.80 3.63 7.51
C ALA A 103 -2.94 5.05 7.01
N SER A 104 -2.51 5.26 5.76
CA SER A 104 -2.81 6.49 5.01
C SER A 104 -4.30 6.63 4.64
N ASP A 105 -4.75 7.86 4.35
CA ASP A 105 -6.08 8.05 3.76
C ASP A 105 -5.91 7.79 2.26
N ASN A 106 -6.03 6.52 1.92
CA ASN A 106 -5.85 6.05 0.56
C ASN A 106 -6.93 6.50 -0.44
N VAL A 107 -8.15 6.79 0.04
CA VAL A 107 -9.17 7.43 -0.81
C VAL A 107 -8.69 8.83 -1.21
N LEU A 108 -8.30 9.64 -0.24
CA LEU A 108 -7.71 10.96 -0.49
C LEU A 108 -6.51 10.86 -1.43
N GLY A 109 -5.63 9.88 -1.21
CA GLY A 109 -4.47 9.67 -2.08
C GLY A 109 -4.83 9.48 -3.56
N GLY A 110 -5.81 8.65 -3.83
CA GLY A 110 -6.24 8.40 -5.18
C GLY A 110 -6.87 9.63 -5.80
N LYS A 111 -7.61 10.39 -4.99
CA LYS A 111 -8.18 11.66 -5.45
C LYS A 111 -7.10 12.68 -5.80
N ILE A 112 -6.08 12.78 -4.94
CA ILE A 112 -4.96 13.70 -5.16
C ILE A 112 -4.23 13.38 -6.44
N ALA A 113 -3.95 12.09 -6.66
CA ALA A 113 -3.34 11.59 -7.90
C ALA A 113 -4.15 11.97 -9.16
N GLY A 114 -5.45 11.67 -9.15
CA GLY A 114 -6.34 12.06 -10.27
C GLY A 114 -6.45 13.57 -10.50
N ASP A 115 -6.51 14.33 -9.41
CA ASP A 115 -6.59 15.78 -9.49
C ASP A 115 -5.34 16.36 -10.17
N TYR A 116 -4.17 15.81 -9.86
CA TYR A 116 -2.94 16.29 -10.52
C TYR A 116 -2.90 15.94 -12.03
N ILE A 117 -3.29 14.71 -12.38
CA ILE A 117 -3.47 14.32 -13.78
C ILE A 117 -4.43 15.31 -14.49
N ALA A 118 -5.55 15.66 -13.87
CA ALA A 118 -6.44 16.69 -14.45
C ALA A 118 -5.73 18.05 -14.59
N LYS A 119 -4.94 18.46 -13.60
CA LYS A 119 -4.15 19.69 -13.66
C LYS A 119 -3.20 19.72 -14.85
N LYS A 120 -2.49 18.62 -15.11
CA LYS A 120 -1.44 18.63 -16.12
C LYS A 120 -1.85 18.06 -17.49
N ALA A 121 -2.75 17.06 -17.51
CA ALA A 121 -3.22 16.43 -18.76
C ALA A 121 -4.58 17.00 -19.23
N GLY A 122 -5.36 17.54 -18.31
CA GLY A 122 -6.58 18.24 -18.61
C GLY A 122 -7.86 17.49 -18.27
N GLU A 123 -8.96 18.22 -18.23
CA GLU A 123 -10.30 17.66 -18.11
C GLU A 123 -10.53 16.76 -19.31
N GLY A 124 -11.19 15.62 -19.12
CA GLY A 124 -11.43 14.67 -20.21
C GLY A 124 -10.23 13.90 -20.70
N ALA A 125 -9.12 13.95 -19.96
CA ALA A 125 -7.95 13.17 -20.29
C ALA A 125 -8.28 11.68 -20.44
N LYS A 126 -7.60 11.05 -21.39
CA LYS A 126 -7.60 9.61 -21.56
C LYS A 126 -6.61 9.01 -20.59
N VAL A 127 -7.12 8.21 -19.66
CA VAL A 127 -6.32 7.68 -18.57
C VAL A 127 -6.37 6.16 -18.51
N ILE A 128 -5.29 5.56 -18.01
CA ILE A 128 -5.27 4.16 -17.59
C ILE A 128 -4.89 4.09 -16.12
N GLU A 129 -5.57 3.22 -15.36
CA GLU A 129 -5.23 2.99 -13.95
C GLU A 129 -4.60 1.60 -13.80
N LEU A 130 -3.44 1.53 -13.15
CA LEU A 130 -2.87 0.25 -12.77
C LEU A 130 -3.17 0.03 -11.29
N GLN A 131 -4.07 -0.90 -11.03
CA GLN A 131 -4.54 -1.19 -9.68
C GLN A 131 -3.57 -2.09 -8.91
N GLY A 132 -3.62 -2.01 -7.59
CA GLY A 132 -2.83 -2.90 -6.75
C GLY A 132 -3.48 -4.27 -6.61
N ILE A 133 -3.02 -5.01 -5.60
CA ILE A 133 -3.50 -6.37 -5.33
C ILE A 133 -4.98 -6.29 -4.96
N ALA A 134 -5.83 -7.00 -5.71
CA ALA A 134 -7.25 -7.04 -5.44
C ALA A 134 -7.46 -7.72 -4.10
N GLY A 135 -8.39 -7.19 -3.35
CA GLY A 135 -8.64 -7.77 -2.06
C GLY A 135 -7.96 -6.96 -1.00
N THR A 136 -7.10 -6.00 -1.38
CA THR A 136 -6.48 -5.13 -0.38
C THR A 136 -7.25 -3.83 -0.25
N SER A 137 -7.44 -3.38 0.99
CA SER A 137 -8.11 -2.10 1.19
C SER A 137 -7.33 -0.97 0.55
N ALA A 138 -6.00 -1.07 0.45
CA ALA A 138 -5.21 0.03 -0.12
C ALA A 138 -5.60 0.25 -1.59
N ALA A 139 -5.61 -0.82 -2.36
CA ALA A 139 -5.96 -0.77 -3.78
C ALA A 139 -7.42 -0.33 -3.97
N ARG A 140 -8.33 -0.88 -3.17
CA ARG A 140 -9.75 -0.53 -3.24
C ARG A 140 -10.01 0.94 -3.00
N GLU A 141 -9.33 1.48 -1.98
CA GLU A 141 -9.48 2.87 -1.60
C GLU A 141 -8.87 3.83 -2.61
N ARG A 142 -7.69 3.48 -3.11
CA ARG A 142 -7.06 4.31 -4.12
C ARG A 142 -7.93 4.35 -5.38
N GLY A 143 -8.49 3.20 -5.75
CA GLY A 143 -9.42 3.10 -6.87
C GLY A 143 -10.65 3.95 -6.67
N GLU A 144 -11.19 3.94 -5.44
CA GLU A 144 -12.34 4.81 -5.06
C GLU A 144 -11.99 6.30 -5.18
N GLY A 145 -10.83 6.68 -4.68
CA GLY A 145 -10.41 8.07 -4.74
C GLY A 145 -10.20 8.50 -6.18
N PHE A 146 -9.56 7.65 -6.96
CA PHE A 146 -9.30 7.95 -8.37
C PHE A 146 -10.62 8.14 -9.16
N GLN A 147 -11.57 7.25 -8.90
CA GLN A 147 -12.92 7.36 -9.50
C GLN A 147 -13.63 8.68 -9.17
N GLN A 148 -13.39 9.23 -7.98
CA GLN A 148 -13.85 10.56 -7.62
C GLN A 148 -13.27 11.58 -8.58
N ALA A 149 -11.98 11.43 -8.90
CA ALA A 149 -11.33 12.30 -9.87
C ALA A 149 -11.86 12.04 -11.29
N VAL A 150 -12.09 10.79 -11.64
CA VAL A 150 -12.63 10.45 -12.98
C VAL A 150 -13.98 11.15 -13.21
N ALA A 151 -14.83 11.11 -12.19
CA ALA A 151 -16.12 11.82 -12.19
C ALA A 151 -15.95 13.34 -12.22
N ALA A 152 -15.15 13.88 -11.32
CA ALA A 152 -14.94 15.33 -11.23
C ALA A 152 -14.42 15.93 -12.54
N HIS A 153 -13.46 15.26 -13.16
CA HIS A 153 -12.72 15.82 -14.29
C HIS A 153 -13.10 15.17 -15.62
N LYS A 154 -14.15 14.37 -15.58
CA LYS A 154 -14.69 13.67 -16.77
C LYS A 154 -13.62 12.93 -17.59
N PHE A 155 -12.75 12.20 -16.90
CA PHE A 155 -11.74 11.39 -17.55
C PHE A 155 -12.35 10.29 -18.39
N ASN A 156 -11.69 9.98 -19.50
CA ASN A 156 -11.99 8.79 -20.25
C ASN A 156 -11.05 7.66 -19.81
N VAL A 157 -11.58 6.75 -18.99
CA VAL A 157 -10.83 5.58 -18.51
C VAL A 157 -10.77 4.55 -19.62
N LEU A 158 -9.62 4.45 -20.25
CA LEU A 158 -9.41 3.48 -21.33
C LEU A 158 -9.30 2.09 -20.78
N ALA A 159 -8.71 1.97 -19.61
CA ALA A 159 -8.50 0.68 -18.96
C ALA A 159 -8.14 0.86 -17.49
N SER A 160 -8.55 -0.12 -16.68
CA SER A 160 -8.19 -0.20 -15.26
C SER A 160 -7.99 -1.69 -14.96
N GLN A 161 -6.74 -2.10 -14.73
CA GLN A 161 -6.39 -3.51 -14.52
CA GLN A 161 -6.39 -3.51 -14.52
C GLN A 161 -5.35 -3.63 -13.41
N PRO A 162 -5.40 -4.73 -12.61
CA PRO A 162 -4.39 -4.90 -11.59
C PRO A 162 -3.03 -5.31 -12.13
N ALA A 163 -1.97 -4.78 -11.52
CA ALA A 163 -0.64 -5.30 -11.72
C ALA A 163 0.01 -5.61 -10.37
N ASP A 164 -0.81 -5.80 -9.33
CA ASP A 164 -0.42 -6.45 -8.08
C ASP A 164 0.73 -5.84 -7.28
N PHE A 165 0.84 -4.52 -7.38
CA PHE A 165 1.81 -3.74 -6.63
C PHE A 165 3.25 -4.15 -6.99
N ASP A 166 3.41 -4.77 -8.15
CA ASP A 166 4.65 -5.39 -8.60
C ASP A 166 5.18 -4.67 -9.85
N ARG A 167 6.50 -4.44 -9.87
CA ARG A 167 7.14 -3.72 -10.96
C ARG A 167 7.05 -4.46 -12.30
N ILE A 168 7.45 -5.72 -12.29
CA ILE A 168 7.44 -6.53 -13.50
C ILE A 168 6.03 -6.77 -14.04
N LYS A 169 5.07 -7.04 -13.17
CA LYS A 169 3.69 -7.16 -13.63
CA LYS A 169 3.68 -7.16 -13.60
C LYS A 169 3.22 -5.84 -14.23
N GLY A 170 3.54 -4.73 -13.57
CA GLY A 170 3.22 -3.39 -14.11
C GLY A 170 3.75 -3.17 -15.52
N LEU A 171 5.00 -3.59 -15.75
CA LEU A 171 5.61 -3.55 -17.09
C LEU A 171 4.83 -4.40 -18.09
N ASN A 172 4.58 -5.67 -17.73
CA ASN A 172 3.83 -6.57 -18.62
C ASN A 172 2.37 -6.14 -18.86
N VAL A 173 1.66 -5.77 -17.81
CA VAL A 173 0.29 -5.26 -17.94
C VAL A 173 0.24 -3.97 -18.79
N MET A 174 1.12 -2.99 -18.50
CA MET A 174 1.13 -1.76 -19.29
C MET A 174 1.50 -2.00 -20.77
N GLN A 175 2.47 -2.86 -21.02
CA GLN A 175 2.87 -3.23 -22.38
C GLN A 175 1.62 -3.69 -23.15
N ASN A 176 0.93 -4.66 -22.56
CA ASN A 176 -0.34 -5.20 -23.06
CA ASN A 176 -0.33 -5.18 -23.11
C ASN A 176 -1.43 -4.13 -23.30
N LEU A 177 -1.64 -3.27 -22.31
CA LEU A 177 -2.67 -2.23 -22.41
C LEU A 177 -2.35 -1.18 -23.48
N LEU A 178 -1.06 -0.91 -23.69
CA LEU A 178 -0.61 0.06 -24.70
C LEU A 178 -0.94 -0.34 -26.13
N THR A 179 -0.97 -1.64 -26.37
CA THR A 179 -1.30 -2.17 -27.68
CA THR A 179 -1.29 -2.17 -27.67
C THR A 179 -2.78 -1.91 -27.94
N ALA A 180 -3.60 -2.11 -26.91
CA ALA A 180 -5.04 -1.86 -27.01
C ALA A 180 -5.40 -0.37 -27.02
N HIS A 181 -4.57 0.45 -26.38
CA HIS A 181 -4.96 1.81 -26.05
C HIS A 181 -3.79 2.76 -26.25
N PRO A 182 -3.31 2.90 -27.52
CA PRO A 182 -2.14 3.74 -27.78
C PRO A 182 -2.41 5.23 -27.60
N ASP A 183 -3.68 5.59 -27.51
CA ASP A 183 -4.11 6.95 -27.23
C ASP A 183 -4.07 7.38 -25.74
N VAL A 184 -3.58 6.54 -24.83
CA VAL A 184 -3.50 6.92 -23.42
C VAL A 184 -2.71 8.23 -23.23
N GLN A 185 -3.18 9.13 -22.37
CA GLN A 185 -2.49 10.40 -22.13
C GLN A 185 -1.86 10.46 -20.73
N ALA A 186 -2.42 9.70 -19.77
CA ALA A 186 -1.94 9.66 -18.41
C ALA A 186 -2.19 8.30 -17.75
N VAL A 187 -1.28 7.90 -16.89
CA VAL A 187 -1.43 6.69 -16.09
C VAL A 187 -1.36 7.01 -14.60
N PHE A 188 -2.31 6.50 -13.84
CA PHE A 188 -2.22 6.39 -12.38
C PHE A 188 -1.90 4.94 -12.01
N ALA A 189 -0.70 4.74 -11.47
CA ALA A 189 -0.27 3.46 -10.96
C ALA A 189 -0.35 3.54 -9.42
N GLN A 190 -1.08 2.60 -8.81
CA GLN A 190 -1.34 2.64 -7.38
C GLN A 190 -0.14 2.33 -6.44
N ASN A 191 1.03 2.09 -7.01
CA ASN A 191 2.27 2.22 -6.25
C ASN A 191 3.44 2.52 -7.16
N ASP A 192 4.57 2.87 -6.55
CA ASP A 192 5.72 3.30 -7.33
C ASP A 192 6.35 2.15 -8.14
N GLU A 193 6.31 0.94 -7.60
CA GLU A 193 6.84 -0.24 -8.31
C GLU A 193 6.13 -0.45 -9.67
N MET A 194 4.80 -0.47 -9.64
CA MET A 194 4.00 -0.50 -10.88
C MET A 194 4.26 0.68 -11.80
N ALA A 195 4.44 1.86 -11.22
CA ALA A 195 4.74 3.09 -11.97
C ALA A 195 6.02 2.99 -12.78
N LEU A 196 7.04 2.42 -12.14
CA LEU A 196 8.36 2.25 -12.75
C LEU A 196 8.35 1.18 -13.82
N GLY A 197 7.51 0.16 -13.62
CA GLY A 197 7.26 -0.84 -14.66
C GLY A 197 6.55 -0.23 -15.86
N ALA A 198 5.50 0.54 -15.58
CA ALA A 198 4.75 1.23 -16.62
C ALA A 198 5.64 2.18 -17.41
N LEU A 199 6.48 2.95 -16.71
CA LEU A 199 7.43 3.86 -17.36
C LEU A 199 8.33 3.13 -18.36
N ARG A 200 8.76 1.92 -18.00
CA ARG A 200 9.61 1.10 -18.85
C ARG A 200 8.87 0.60 -20.11
N ALA A 201 7.62 0.15 -19.93
CA ALA A 201 6.74 -0.21 -21.05
C ALA A 201 6.51 0.96 -22.03
N LEU A 202 6.27 2.14 -21.48
CA LEU A 202 6.02 3.35 -22.29
C LEU A 202 7.27 3.78 -23.06
N GLN A 203 8.42 3.76 -22.40
CA GLN A 203 9.68 4.12 -23.10
C GLN A 203 9.87 3.17 -24.29
N THR A 204 9.71 1.86 -24.05
CA THR A 204 9.87 0.83 -25.08
C THR A 204 8.98 1.04 -26.31
N ALA A 205 7.76 1.54 -26.09
CA ALA A 205 6.76 1.73 -27.14
C ALA A 205 6.88 3.10 -27.84
N GLY A 206 7.81 3.93 -27.39
CA GLY A 206 7.99 5.25 -27.96
C GLY A 206 7.01 6.26 -27.40
N LYS A 207 6.45 5.97 -26.22
CA LYS A 207 5.41 6.84 -25.62
C LYS A 207 5.81 7.47 -24.28
N SER A 208 7.06 7.92 -24.18
CA SER A 208 7.58 8.52 -22.93
C SER A 208 6.97 9.89 -22.59
N ASP A 209 6.18 10.44 -23.51
CA ASP A 209 5.42 11.65 -23.29
C ASP A 209 4.16 11.43 -22.41
N VAL A 210 3.76 10.16 -22.22
CA VAL A 210 2.59 9.81 -21.40
C VAL A 210 2.94 10.08 -19.94
N MET A 211 2.13 10.88 -19.25
CA MET A 211 2.42 11.24 -17.86
C MET A 211 2.07 10.09 -16.93
N VAL A 212 2.96 9.81 -15.97
CA VAL A 212 2.71 8.74 -15.00
C VAL A 212 2.79 9.28 -13.57
N VAL A 213 1.80 8.89 -12.76
CA VAL A 213 1.75 9.20 -11.35
C VAL A 213 1.78 7.91 -10.53
N GLY A 214 2.72 7.84 -9.59
CA GLY A 214 2.81 6.70 -8.70
C GLY A 214 2.22 6.96 -7.31
N PHE A 215 2.66 6.13 -6.38
CA PHE A 215 2.20 6.19 -4.99
C PHE A 215 3.29 5.56 -4.14
N ASP A 216 3.69 6.26 -3.07
CA ASP A 216 4.48 5.74 -1.93
C ASP A 216 5.61 6.71 -1.61
N GLY A 217 6.18 7.30 -2.64
CA GLY A 217 7.41 8.09 -2.52
C GLY A 217 8.56 7.25 -1.98
N THR A 218 8.75 6.07 -2.56
CA THR A 218 9.90 5.21 -2.24
C THR A 218 11.17 5.91 -2.76
N PRO A 219 12.35 5.50 -2.31
CA PRO A 219 13.56 6.09 -2.87
C PRO A 219 13.59 6.07 -4.42
N ASP A 220 13.18 4.95 -5.03
CA ASP A 220 13.16 4.83 -6.48
C ASP A 220 12.11 5.74 -7.10
N GLY A 221 10.96 5.90 -6.45
CA GLY A 221 9.95 6.90 -6.85
C GLY A 221 10.43 8.35 -6.76
N GLU A 222 11.10 8.70 -5.66
CA GLU A 222 11.65 10.05 -5.49
C GLU A 222 12.70 10.37 -6.55
N LYS A 223 13.58 9.40 -6.81
CA LYS A 223 14.62 9.52 -7.85
C LYS A 223 14.02 9.74 -9.24
N ALA A 224 12.98 8.97 -9.55
CA ALA A 224 12.31 9.01 -10.83
C ALA A 224 11.61 10.36 -11.02
N VAL A 225 11.06 10.92 -9.96
CA VAL A 225 10.50 12.29 -10.02
C VAL A 225 11.58 13.30 -10.34
N ASN A 226 12.68 13.25 -9.59
CA ASN A 226 13.81 14.15 -9.84
C ASN A 226 14.41 14.00 -11.24
N ASP A 227 14.47 12.78 -11.77
CA ASP A 227 14.97 12.54 -13.13
C ASP A 227 14.01 13.00 -14.23
N GLY A 228 12.78 13.37 -13.89
CA GLY A 228 11.80 13.82 -14.88
C GLY A 228 11.03 12.71 -15.57
N LYS A 229 11.22 11.46 -15.13
CA LYS A 229 10.55 10.29 -15.71
C LYS A 229 9.14 10.08 -15.13
N LEU A 230 9.01 10.33 -13.82
CA LEU A 230 7.77 10.16 -13.12
C LEU A 230 7.22 11.55 -12.84
N ALA A 231 6.04 11.84 -13.37
CA ALA A 231 5.41 13.16 -13.19
C ALA A 231 5.19 13.51 -11.71
N ALA A 232 4.76 12.52 -10.93
CA ALA A 232 4.47 12.71 -9.52
C ALA A 232 4.39 11.40 -8.78
N THR A 233 4.45 11.53 -7.46
CA THR A 233 4.09 10.42 -6.60
C THR A 233 3.36 10.95 -5.39
N ILE A 234 2.63 10.08 -4.69
CA ILE A 234 1.93 10.46 -3.47
C ILE A 234 2.74 9.81 -2.36
N ALA A 235 3.45 10.63 -1.59
CA ALA A 235 4.33 10.13 -0.56
C ALA A 235 3.58 9.68 0.67
N GLN A 236 3.93 8.50 1.12
CA GLN A 236 3.45 7.90 2.36
C GLN A 236 4.61 7.89 3.34
N LEU A 237 4.33 7.54 4.58
CA LEU A 237 5.32 7.54 5.66
C LEU A 237 5.35 6.14 6.30
N PRO A 238 5.95 5.17 5.58
CA PRO A 238 5.92 3.78 6.07
C PRO A 238 6.64 3.55 7.41
N ASP A 239 7.76 4.24 7.64
CA ASP A 239 8.49 4.14 8.92
C ASP A 239 7.58 4.58 10.07
N GLN A 240 6.80 5.62 9.83
CA GLN A 240 5.88 6.13 10.83
C GLN A 240 4.70 5.17 11.04
N ILE A 241 4.21 4.50 10.00
CA ILE A 241 3.16 3.50 10.16
C ILE A 241 3.68 2.35 11.05
N GLY A 242 4.87 1.82 10.74
CA GLY A 242 5.52 0.80 11.56
C GLY A 242 5.73 1.21 13.02
N ALA A 243 6.29 2.41 13.21
CA ALA A 243 6.60 2.93 14.54
C ALA A 243 5.31 3.10 15.36
N LYS A 244 4.28 3.69 14.75
CA LYS A 244 2.99 3.91 15.41
C LYS A 244 2.39 2.59 15.84
N GLY A 245 2.52 1.57 15.01
CA GLY A 245 2.05 0.23 15.35
C GLY A 245 2.58 -0.24 16.69
N VAL A 246 3.89 -0.12 16.87
CA VAL A 246 4.52 -0.48 18.14
C VAL A 246 4.13 0.44 19.31
N GLU A 247 4.12 1.75 19.05
CA GLU A 247 3.74 2.75 20.02
C GLU A 247 2.33 2.47 20.57
N VAL A 248 1.39 2.17 19.68
CA VAL A 248 0.01 1.75 20.05
C VAL A 248 -0.05 0.35 20.70
N ALA A 249 0.76 -0.58 20.22
CA ALA A 249 0.89 -1.87 20.90
C ALA A 249 1.28 -1.70 22.39
N ASP A 250 2.27 -0.85 22.65
CA ASP A 250 2.66 -0.48 24.02
C ASP A 250 1.50 0.12 24.85
N LYS A 251 0.80 1.08 24.25
CA LYS A 251 -0.44 1.67 24.78
C LYS A 251 -1.51 0.63 25.19
N VAL A 252 -1.84 -0.25 24.27
CA VAL A 252 -2.79 -1.34 24.50
C VAL A 252 -2.36 -2.19 25.69
N LEU A 253 -1.09 -2.57 25.72
CA LEU A 253 -0.55 -3.41 26.79
C LEU A 253 -0.65 -2.73 28.16
N LYS A 254 -0.48 -1.41 28.18
CA LYS A 254 -0.60 -0.58 29.39
C LYS A 254 -2.02 -0.16 29.76
N GLY A 255 -3.00 -0.46 28.90
CA GLY A 255 -4.40 -0.16 29.19
C GLY A 255 -4.78 1.27 28.93
N GLU A 256 -3.95 1.96 28.16
CA GLU A 256 -4.23 3.34 27.78
C GLU A 256 -5.31 3.31 26.72
N LYS A 257 -5.90 4.45 26.42
CA LYS A 257 -6.94 4.45 25.41
C LYS A 257 -6.36 4.71 24.06
N VAL A 258 -6.66 3.82 23.13
CA VAL A 258 -6.09 3.91 21.80
C VAL A 258 -7.22 4.20 20.81
N GLN A 259 -6.94 5.07 19.85
CA GLN A 259 -7.90 5.36 18.79
C GLN A 259 -8.14 4.11 17.92
N ALA A 260 -9.37 3.99 17.40
CA ALA A 260 -9.71 2.94 16.46
C ALA A 260 -8.91 3.09 15.16
N LYS A 261 -8.66 4.36 14.80
CA LYS A 261 -7.91 4.73 13.61
C LYS A 261 -6.87 5.83 13.89
N TYR A 262 -5.65 5.61 13.41
CA TYR A 262 -4.60 6.62 13.39
C TYR A 262 -4.20 6.91 11.94
N PRO A 263 -4.86 7.88 11.27
CA PRO A 263 -4.52 8.17 9.89
C PRO A 263 -3.13 8.81 9.80
N VAL A 264 -2.40 8.46 8.76
CA VAL A 264 -1.04 8.91 8.54
C VAL A 264 -1.05 9.77 7.27
N ASP A 265 -0.32 10.88 7.32
CA ASP A 265 -0.41 11.91 6.27
C ASP A 265 0.23 11.47 4.97
N LEU A 266 -0.39 11.95 3.88
CA LEU A 266 0.03 11.75 2.48
C LEU A 266 0.38 13.10 1.89
N LYS A 267 1.22 13.10 0.86
CA LYS A 267 1.71 14.33 0.24
C LYS A 267 1.95 14.13 -1.25
N LEU A 268 1.34 14.95 -2.09
CA LEU A 268 1.69 14.99 -3.52
C LEU A 268 3.13 15.46 -3.67
N VAL A 269 3.93 14.68 -4.39
CA VAL A 269 5.32 15.04 -4.66
C VAL A 269 5.55 15.23 -6.16
N VAL A 270 6.08 16.40 -6.51
CA VAL A 270 6.41 16.76 -7.89
C VAL A 270 7.85 17.29 -7.92
N LYS A 271 8.42 17.34 -9.12
CA LYS A 271 9.79 17.84 -9.32
C LYS A 271 9.89 19.34 -8.97
N GLN A 272 10.92 19.69 -8.23
CA GLN A 272 11.18 21.08 -7.82
C GLN A 272 12.29 21.71 -8.65
C1 RIP B . 0.09 -0.88 -0.16
C2 RIP B . 1.07 0.11 0.47
C3 RIP B . 2.11 0.56 -0.56
C4 RIP B . 2.80 -0.69 -1.11
C5 RIP B . 1.76 -1.63 -1.68
O1 RIP B . -0.78 -1.38 0.81
O2 RIP B . 0.44 1.21 1.07
O3 RIP B . 1.52 1.34 -1.59
O4 RIP B . 3.69 -0.37 -2.15
O5 RIP B . 0.84 -1.96 -0.65
#